data_8YNJ
#
_entry.id   8YNJ
#
_cell.length_a   68.018
_cell.length_b   68.018
_cell.length_c   213.125
_cell.angle_alpha   90.000
_cell.angle_beta   90.000
_cell.angle_gamma   90.000
#
_symmetry.space_group_name_H-M   'P 41 21 2'
#
loop_
_entity.id
_entity.type
_entity.pdbx_description
1 polymer 'Serine protease NS3'
2 water water
#
_entity_poly.entity_id   1
_entity_poly.type   'polypeptide(L)'
_entity_poly.pdbx_seq_one_letter_code
;PNLPQSVVGTGWTAKGQITVLDMHPGSGKTHRVLPELIRQCVERRLRTLVLAPTRVVLREMERALSGKNVRFHSPAVTEQ
HANGAIVDVMCHATYVNRRLLPQGRQNWEVAIMDEAHWTDPHSIAARGHLYSLAKENRCAFVLMTATPPGKSEPFPESNG
AIASEERQIPDGEWRDGFDWITEYEGRTAWFVPSIARGGAIARALRQRGKSVICLNSKTFDKEYSRVKDEKPDFVVTTDI
SEMGANLDVTRVIDGRTNIKPEEVDGRIELTGTRRVTTASAAQRRGRVGRQGGRTDEYIYSGQCDDDDSGLVQWKEAQIL
LDNITTARGPVATFYGPEQERMTETAGHYRLPEEKRKHFRHLLAQCDFTPWLAWHVAANVASVTDRSWTWEGPEENAVDE
NNGELVTFRSPNGAERTLRPVWRDARMFREGRDIREFVSYASGRR
;
_entity_poly.pdbx_strand_id   A
#
# COMPACT_ATOMS: atom_id res chain seq x y z
N LEU A 3 5.59 -20.64 -20.11
CA LEU A 3 6.09 -19.33 -19.74
C LEU A 3 5.82 -18.31 -20.83
N PRO A 4 5.44 -17.10 -20.45
CA PRO A 4 5.16 -16.05 -21.44
C PRO A 4 6.40 -15.72 -22.27
N GLN A 5 6.16 -15.41 -23.55
CA GLN A 5 7.24 -15.18 -24.49
C GLN A 5 8.07 -13.94 -24.16
N SER A 6 7.54 -13.01 -23.37
CA SER A 6 8.30 -11.81 -23.03
C SER A 6 9.52 -12.15 -22.17
N VAL A 7 9.44 -13.24 -21.39
CA VAL A 7 10.52 -13.62 -20.49
C VAL A 7 11.19 -14.91 -20.93
N VAL A 8 10.92 -15.39 -22.14
CA VAL A 8 11.69 -16.49 -22.71
C VAL A 8 12.91 -15.91 -23.41
N GLY A 9 14.00 -16.67 -23.43
CA GLY A 9 15.25 -16.14 -23.95
C GLY A 9 15.97 -15.31 -22.90
N THR A 10 16.77 -14.35 -23.39
CA THR A 10 17.55 -13.48 -22.52
C THR A 10 17.32 -12.01 -22.80
N GLY A 11 16.33 -11.67 -23.63
CA GLY A 11 16.14 -10.27 -24.01
C GLY A 11 15.60 -9.41 -22.89
N TRP A 12 14.88 -10.00 -21.94
CA TRP A 12 14.28 -9.22 -20.86
C TRP A 12 15.33 -8.72 -19.87
N THR A 13 16.52 -9.32 -19.84
CA THR A 13 17.58 -8.89 -18.94
C THR A 13 18.45 -7.79 -19.52
N ALA A 14 18.25 -7.43 -20.79
CA ALA A 14 19.06 -6.39 -21.40
C ALA A 14 18.84 -5.05 -20.70
N LYS A 15 19.93 -4.32 -20.51
CA LYS A 15 19.87 -3.04 -19.80
C LYS A 15 19.02 -2.05 -20.59
N GLY A 16 17.96 -1.55 -19.95
CA GLY A 16 17.02 -0.65 -20.57
C GLY A 16 15.69 -1.27 -20.93
N GLN A 17 15.60 -2.60 -20.94
CA GLN A 17 14.37 -3.28 -21.29
C GLN A 17 13.36 -3.20 -20.14
N ILE A 18 12.11 -2.91 -20.48
CA ILE A 18 11.02 -2.82 -19.52
C ILE A 18 9.90 -3.73 -20.00
N THR A 19 9.59 -4.76 -19.21
CA THR A 19 8.57 -5.73 -19.57
C THR A 19 7.46 -5.74 -18.50
N VAL A 20 6.24 -6.01 -18.94
CA VAL A 20 5.08 -6.09 -18.07
C VAL A 20 4.48 -7.48 -18.21
N LEU A 21 4.18 -8.12 -17.08
CA LEU A 21 3.66 -9.48 -17.04
C LEU A 21 2.24 -9.44 -16.50
N ASP A 22 1.26 -9.47 -17.39
CA ASP A 22 -0.15 -9.51 -17.00
C ASP A 22 -0.57 -10.97 -16.86
N MET A 23 -0.72 -11.43 -15.62
CA MET A 23 -1.12 -12.80 -15.32
C MET A 23 -2.25 -12.75 -14.31
N HIS A 24 -3.41 -13.30 -14.68
CA HIS A 24 -4.53 -13.35 -13.76
C HIS A 24 -4.18 -14.26 -12.58
N PRO A 25 -4.79 -14.02 -11.42
CA PRO A 25 -4.43 -14.79 -10.22
C PRO A 25 -4.68 -16.28 -10.42
N GLY A 26 -3.77 -17.09 -9.88
CA GLY A 26 -3.83 -18.53 -10.06
C GLY A 26 -3.10 -19.05 -11.26
N SER A 27 -2.17 -18.27 -11.83
CA SER A 27 -1.43 -18.67 -13.01
C SER A 27 -0.04 -19.20 -12.71
N GLY A 28 0.62 -18.67 -11.68
CA GLY A 28 1.95 -19.15 -11.32
C GLY A 28 3.01 -18.06 -11.31
N LYS A 29 2.60 -16.83 -11.01
CA LYS A 29 3.57 -15.73 -10.92
C LYS A 29 4.62 -16.03 -9.86
N THR A 30 4.20 -16.37 -8.65
CA THR A 30 5.11 -16.73 -7.57
C THR A 30 5.40 -18.23 -7.51
N HIS A 31 4.70 -19.03 -8.30
CA HIS A 31 4.87 -20.48 -8.28
C HIS A 31 5.91 -20.96 -9.30
N ARG A 32 5.75 -20.55 -10.56
CA ARG A 32 6.60 -21.04 -11.64
C ARG A 32 7.35 -19.93 -12.39
N VAL A 33 6.78 -18.73 -12.49
CA VAL A 33 7.42 -17.67 -13.26
C VAL A 33 8.59 -17.08 -12.49
N LEU A 34 8.33 -16.60 -11.27
CA LEU A 34 9.38 -15.94 -10.50
C LEU A 34 10.57 -16.84 -10.21
N PRO A 35 10.41 -18.10 -9.78
CA PRO A 35 11.60 -18.95 -9.62
C PRO A 35 12.38 -19.14 -10.90
N GLU A 36 11.71 -19.16 -12.05
CA GLU A 36 12.42 -19.28 -13.33
C GLU A 36 13.18 -18.00 -13.65
N LEU A 37 12.60 -16.84 -13.34
CA LEU A 37 13.29 -15.58 -13.58
C LEU A 37 14.52 -15.46 -12.68
N ILE A 38 14.43 -15.95 -11.45
CA ILE A 38 15.58 -15.92 -10.54
C ILE A 38 16.69 -16.82 -11.06
N ARG A 39 16.33 -17.99 -11.59
CA ARG A 39 17.34 -18.96 -12.02
C ARG A 39 18.20 -18.41 -13.16
N GLN A 40 17.55 -17.81 -14.16
CA GLN A 40 18.29 -17.29 -15.31
C GLN A 40 19.31 -16.22 -14.89
N CYS A 41 18.97 -15.43 -13.87
CA CYS A 41 19.86 -14.37 -13.44
C CYS A 41 21.02 -14.89 -12.60
N VAL A 42 20.79 -15.96 -11.83
CA VAL A 42 21.88 -16.53 -11.03
C VAL A 42 22.92 -17.18 -11.93
N GLU A 43 22.48 -17.85 -13.00
CA GLU A 43 23.43 -18.49 -13.91
C GLU A 43 24.29 -17.47 -14.64
N ARG A 44 23.76 -16.27 -14.88
CA ARG A 44 24.49 -15.22 -15.57
C ARG A 44 25.22 -14.26 -14.63
N ARG A 45 25.19 -14.54 -13.33
CA ARG A 45 25.82 -13.68 -12.31
C ARG A 45 25.30 -12.24 -12.39
N LEU A 46 24.04 -12.08 -12.75
CA LEU A 46 23.42 -10.76 -12.84
C LEU A 46 22.81 -10.42 -11.48
N ARG A 47 23.36 -9.39 -10.84
CA ARG A 47 22.87 -8.96 -9.53
C ARG A 47 21.47 -8.37 -9.67
N THR A 48 20.50 -8.96 -8.98
CA THR A 48 19.10 -8.61 -9.16
C THR A 48 18.49 -8.10 -7.86
N LEU A 49 17.33 -7.44 -8.02
CA LEU A 49 16.57 -6.90 -6.91
C LEU A 49 15.11 -7.31 -7.09
N VAL A 50 14.53 -7.93 -6.06
CA VAL A 50 13.15 -8.36 -6.07
C VAL A 50 12.41 -7.63 -4.95
N LEU A 51 11.35 -6.93 -5.31
CA LEU A 51 10.59 -6.10 -4.38
C LEU A 51 9.23 -6.72 -4.14
N ALA A 52 8.90 -6.97 -2.87
CA ALA A 52 7.63 -7.51 -2.43
C ALA A 52 6.75 -6.43 -1.83
N PRO A 53 5.43 -6.46 -2.07
CA PRO A 53 4.57 -5.40 -1.55
C PRO A 53 4.44 -5.41 -0.04
N THR A 54 4.09 -6.55 0.54
CA THR A 54 3.84 -6.66 1.97
C THR A 54 4.85 -7.60 2.63
N ARG A 55 4.95 -7.49 3.94
CA ARG A 55 5.81 -8.40 4.69
C ARG A 55 5.31 -9.84 4.61
N VAL A 56 4.00 -10.02 4.40
CA VAL A 56 3.46 -11.36 4.24
C VAL A 56 3.93 -11.98 2.93
N VAL A 57 3.95 -11.18 1.86
CA VAL A 57 4.46 -11.67 0.58
C VAL A 57 5.95 -11.98 0.68
N LEU A 58 6.69 -11.17 1.45
CA LEU A 58 8.12 -11.39 1.57
C LEU A 58 8.43 -12.72 2.24
N ARG A 59 7.66 -13.08 3.27
CA ARG A 59 7.92 -14.33 3.99
C ARG A 59 7.46 -15.55 3.20
N GLU A 60 6.45 -15.40 2.35
CA GLU A 60 6.02 -16.53 1.52
C GLU A 60 7.05 -16.82 0.44
N MET A 61 7.62 -15.78 -0.17
CA MET A 61 8.73 -15.99 -1.09
C MET A 61 10.00 -16.41 -0.36
N GLU A 62 10.10 -16.12 0.94
CA GLU A 62 11.30 -16.48 1.69
C GLU A 62 11.38 -17.99 1.89
N ARG A 63 10.28 -18.61 2.31
CA ARG A 63 10.28 -20.05 2.55
C ARG A 63 10.40 -20.87 1.27
N ALA A 64 10.35 -20.24 0.10
CA ALA A 64 10.47 -20.94 -1.17
C ALA A 64 11.75 -20.62 -1.92
N LEU A 65 12.32 -19.42 -1.74
CA LEU A 65 13.47 -18.99 -2.52
C LEU A 65 14.74 -18.83 -1.70
N SER A 66 14.67 -18.97 -0.37
CA SER A 66 15.87 -18.84 0.45
C SER A 66 16.88 -19.91 0.09
N GLY A 67 18.09 -19.49 -0.26
CA GLY A 67 19.12 -20.42 -0.68
C GLY A 67 20.53 -19.86 -0.66
N LYS A 68 21.39 -20.41 -1.52
CA LYS A 68 22.81 -20.09 -1.49
C LYS A 68 23.07 -18.63 -1.86
N ASN A 69 22.47 -18.16 -2.95
CA ASN A 69 22.75 -16.85 -3.50
C ASN A 69 21.57 -15.89 -3.40
N VAL A 70 20.74 -16.04 -2.38
CA VAL A 70 19.61 -15.16 -2.14
C VAL A 70 19.73 -14.58 -0.73
N ARG A 71 19.48 -13.27 -0.61
CA ARG A 71 19.58 -12.57 0.66
C ARG A 71 18.32 -11.75 0.87
N PHE A 72 17.60 -12.03 1.95
CA PHE A 72 16.39 -11.31 2.31
C PHE A 72 16.71 -10.25 3.35
N HIS A 73 16.15 -9.05 3.16
CA HIS A 73 16.46 -7.90 3.99
C HIS A 73 15.26 -7.49 4.84
N SER A 74 15.55 -7.02 6.05
CA SER A 74 14.57 -6.42 6.96
C SER A 74 13.26 -7.21 7.05
N GLY A 84 28.89 -10.60 -1.41
CA GLY A 84 27.80 -11.30 -0.76
C GLY A 84 26.99 -12.17 -1.71
N ALA A 85 25.68 -11.97 -1.72
CA ALA A 85 24.80 -12.73 -2.59
C ALA A 85 24.54 -11.98 -3.90
N ILE A 86 23.90 -12.68 -4.83
CA ILE A 86 23.56 -12.09 -6.12
C ILE A 86 22.16 -11.50 -6.11
N VAL A 87 21.19 -12.23 -5.58
CA VAL A 87 19.80 -11.80 -5.53
C VAL A 87 19.52 -11.20 -4.16
N ASP A 88 18.94 -9.99 -4.15
CA ASP A 88 18.53 -9.32 -2.92
C ASP A 88 17.03 -9.08 -2.97
N VAL A 89 16.33 -9.54 -1.95
CA VAL A 89 14.87 -9.44 -1.87
C VAL A 89 14.50 -8.60 -0.67
N MET A 90 13.56 -7.66 -0.87
CA MET A 90 13.12 -6.76 0.18
C MET A 90 11.75 -6.22 -0.19
N CYS A 91 11.20 -5.38 0.68
CA CYS A 91 9.89 -4.78 0.45
C CYS A 91 10.03 -3.50 -0.36
N HIS A 92 8.89 -3.02 -0.87
CA HIS A 92 8.86 -1.76 -1.60
C HIS A 92 9.33 -0.62 -0.71
N ALA A 93 8.83 -0.56 0.53
CA ALA A 93 9.23 0.50 1.44
C ALA A 93 10.67 0.34 1.90
N THR A 94 11.16 -0.90 1.99
CA THR A 94 12.54 -1.13 2.41
C THR A 94 13.53 -0.53 1.41
N TYR A 95 13.27 -0.73 0.11
CA TYR A 95 14.14 -0.17 -0.91
C TYR A 95 14.13 1.36 -0.86
N VAL A 96 12.97 1.95 -0.56
CA VAL A 96 12.87 3.41 -0.50
C VAL A 96 13.60 3.94 0.73
N ASN A 97 13.39 3.32 1.89
CA ASN A 97 13.96 3.84 3.13
C ASN A 97 15.48 3.67 3.15
N ARG A 98 15.99 2.53 2.68
CA ARG A 98 17.43 2.34 2.64
C ARG A 98 18.09 3.28 1.64
N ARG A 99 17.41 3.60 0.54
CA ARG A 99 17.92 4.55 -0.43
C ARG A 99 17.95 5.98 0.11
N LEU A 100 17.20 6.24 1.17
CA LEU A 100 17.14 7.58 1.75
C LEU A 100 18.39 7.94 2.53
N LEU A 101 19.25 6.97 2.84
CA LEU A 101 20.48 7.23 3.57
C LEU A 101 21.65 7.27 2.59
N PRO A 102 22.25 8.44 2.34
CA PRO A 102 23.39 8.57 1.42
C PRO A 102 24.62 7.78 1.88
N GLY A 104 24.44 3.70 2.33
CA GLY A 104 23.29 3.21 1.61
C GLY A 104 23.26 3.62 0.15
N ARG A 105 24.07 2.94 -0.66
CA ARG A 105 24.16 3.25 -2.09
C ARG A 105 24.62 1.98 -2.81
N GLN A 106 23.65 1.16 -3.21
CA GLN A 106 23.91 -0.06 -3.95
C GLN A 106 23.22 0.00 -5.31
N ASN A 107 23.71 -0.82 -6.23
CA ASN A 107 23.19 -0.88 -7.59
C ASN A 107 22.85 -2.32 -7.96
N TRP A 108 22.02 -2.46 -8.99
CA TRP A 108 21.62 -3.78 -9.48
C TRP A 108 21.48 -3.73 -10.99
N GLU A 109 21.58 -4.91 -11.61
CA GLU A 109 21.48 -5.03 -13.05
C GLU A 109 20.05 -5.28 -13.52
N VAL A 110 19.29 -6.08 -12.78
CA VAL A 110 17.90 -6.39 -13.09
C VAL A 110 17.05 -6.12 -11.85
N ALA A 111 15.83 -5.63 -12.06
CA ALA A 111 14.90 -5.35 -10.98
C ALA A 111 13.54 -5.94 -11.31
N ILE A 112 12.97 -6.67 -10.35
CA ILE A 112 11.66 -7.29 -10.48
C ILE A 112 10.79 -6.80 -9.33
N MET A 113 9.63 -6.25 -9.66
CA MET A 113 8.68 -5.77 -8.66
C MET A 113 7.41 -6.60 -8.74
N ASP A 114 7.06 -7.26 -7.65
CA ASP A 114 5.83 -8.03 -7.56
C ASP A 114 4.69 -7.12 -7.12
N GLU A 115 3.55 -7.24 -7.79
CA GLU A 115 2.35 -6.45 -7.48
C GLU A 115 2.66 -4.96 -7.57
N ALA A 116 3.15 -4.54 -8.74
CA ALA A 116 3.59 -3.18 -9.00
C ALA A 116 2.45 -2.22 -9.33
N HIS A 117 1.22 -2.50 -8.90
CA HIS A 117 0.10 -1.60 -9.14
C HIS A 117 -0.37 -0.91 -7.87
N TRP A 118 0.37 -1.04 -6.77
CA TRP A 118 -0.04 -0.45 -5.51
C TRP A 118 0.09 1.07 -5.57
N THR A 119 -0.98 1.77 -5.21
CA THR A 119 -0.96 3.21 -5.12
C THR A 119 -0.38 3.72 -3.81
N ASP A 120 0.28 2.86 -3.05
CA ASP A 120 0.97 3.31 -1.84
C ASP A 120 2.12 4.23 -2.23
N PRO A 121 2.35 5.31 -1.47
CA PRO A 121 3.41 6.26 -1.86
C PRO A 121 4.79 5.63 -2.00
N HIS A 122 5.12 4.63 -1.19
CA HIS A 122 6.42 3.99 -1.32
C HIS A 122 6.49 3.13 -2.58
N SER A 123 5.38 2.49 -2.96
CA SER A 123 5.36 1.69 -4.18
C SER A 123 5.47 2.57 -5.42
N ILE A 124 4.81 3.73 -5.41
CA ILE A 124 4.90 4.64 -6.55
C ILE A 124 6.32 5.19 -6.68
N ALA A 125 6.97 5.50 -5.56
CA ALA A 125 8.34 5.98 -5.60
C ALA A 125 9.30 4.90 -6.09
N ALA A 126 9.06 3.65 -5.68
CA ALA A 126 9.92 2.55 -6.13
C ALA A 126 9.77 2.32 -7.63
N ARG A 127 8.55 2.41 -8.15
CA ARG A 127 8.35 2.32 -9.59
C ARG A 127 9.08 3.45 -10.32
N GLY A 128 8.99 4.65 -9.78
CA GLY A 128 9.60 5.79 -10.46
C GLY A 128 11.10 5.72 -10.53
N HIS A 129 11.75 5.30 -9.43
CA HIS A 129 13.20 5.25 -9.41
C HIS A 129 13.73 4.12 -10.30
N LEU A 130 13.04 2.97 -10.29
CA LEU A 130 13.48 1.85 -11.12
C LEU A 130 13.20 2.13 -12.59
N TYR A 131 12.09 2.80 -12.90
CA TYR A 131 11.81 3.19 -14.28
C TYR A 131 12.82 4.21 -14.78
N SER A 132 13.24 5.14 -13.92
CA SER A 132 14.20 6.17 -14.33
C SER A 132 15.58 5.57 -14.56
N LEU A 133 16.01 4.65 -13.70
CA LEU A 133 17.30 4.00 -13.89
C LEU A 133 17.30 3.15 -15.15
N ALA A 134 16.17 2.50 -15.45
CA ALA A 134 16.07 1.71 -16.68
C ALA A 134 16.11 2.60 -17.91
N LYS A 135 15.60 3.83 -17.81
CA LYS A 135 15.69 4.77 -18.92
C LYS A 135 17.11 5.27 -19.14
N GLU A 136 17.97 5.19 -18.12
CA GLU A 136 19.37 5.55 -18.25
C GLU A 136 20.23 4.38 -18.71
N ASN A 137 19.61 3.26 -19.09
CA ASN A 137 20.30 2.05 -19.51
C ASN A 137 21.23 1.53 -18.42
N ARG A 138 20.87 1.78 -17.16
CA ARG A 138 21.65 1.31 -16.02
C ARG A 138 21.12 -0.01 -15.46
N CYS A 139 19.90 -0.41 -15.82
CA CYS A 139 19.32 -1.65 -15.31
C CYS A 139 18.12 -2.01 -16.17
N ALA A 140 17.58 -3.20 -15.93
CA ALA A 140 16.36 -3.67 -16.54
C ALA A 140 15.26 -3.75 -15.49
N PHE A 141 14.01 -3.61 -15.94
CA PHE A 141 12.87 -3.52 -15.05
C PHE A 141 11.77 -4.46 -15.53
N VAL A 142 11.24 -5.27 -14.61
CA VAL A 142 10.12 -6.18 -14.89
C VAL A 142 9.02 -5.89 -13.89
N LEU A 143 7.81 -5.69 -14.39
CA LEU A 143 6.64 -5.40 -13.56
C LEU A 143 5.63 -6.53 -13.69
N MET A 144 5.08 -6.96 -12.56
CA MET A 144 4.17 -8.10 -12.51
C MET A 144 2.86 -7.67 -11.84
N THR A 145 1.83 -7.46 -12.65
CA THR A 145 0.51 -7.06 -12.16
C THR A 145 -0.57 -7.72 -12.99
N ALA A 146 -1.70 -8.01 -12.35
CA ALA A 146 -2.90 -8.38 -13.09
C ALA A 146 -3.63 -7.16 -13.63
N THR A 147 -3.37 -5.98 -13.07
CA THR A 147 -3.96 -4.72 -13.52
C THR A 147 -2.83 -3.71 -13.68
N PRO A 148 -2.17 -3.70 -14.84
CA PRO A 148 -1.06 -2.76 -15.04
C PRO A 148 -1.55 -1.33 -15.01
N PRO A 149 -0.73 -0.40 -14.54
CA PRO A 149 -1.15 1.01 -14.51
C PRO A 149 -1.40 1.55 -15.90
N GLY A 150 -2.62 2.01 -16.13
CA GLY A 150 -3.01 2.52 -17.43
C GLY A 150 -4.19 1.78 -18.01
N LYS A 151 -4.19 0.46 -17.87
CA LYS A 151 -5.29 -0.36 -18.36
C LYS A 151 -6.48 -0.25 -17.42
N SER A 152 -7.67 -0.15 -18.00
CA SER A 152 -8.92 0.03 -17.25
C SER A 152 -9.94 -1.00 -17.73
N GLU A 153 -9.97 -2.16 -17.08
CA GLU A 153 -10.98 -3.17 -17.36
C GLU A 153 -11.41 -3.82 -16.05
N PRO A 154 -12.64 -3.57 -15.59
CA PRO A 154 -13.03 -4.02 -14.25
C PRO A 154 -13.27 -5.52 -14.14
N PHE A 155 -13.37 -6.25 -15.26
CA PHE A 155 -13.64 -7.68 -15.26
C PHE A 155 -12.54 -8.39 -16.04
N PRO A 156 -11.38 -8.60 -15.43
CA PRO A 156 -10.29 -9.33 -16.10
C PRO A 156 -10.55 -10.82 -16.07
N GLU A 157 -9.59 -11.58 -16.59
CA GLU A 157 -9.72 -13.02 -16.67
C GLU A 157 -9.44 -13.68 -15.32
N SER A 158 -9.76 -14.97 -15.25
CA SER A 158 -9.53 -15.78 -14.06
C SER A 158 -9.63 -17.24 -14.45
N ASN A 159 -9.10 -18.11 -13.59
CA ASN A 159 -9.12 -19.54 -13.88
C ASN A 159 -10.54 -20.10 -13.84
N GLY A 160 -11.39 -19.59 -12.95
CA GLY A 160 -12.75 -20.06 -12.85
C GLY A 160 -13.75 -19.01 -13.27
N ALA A 161 -15.00 -19.43 -13.52
CA ALA A 161 -16.04 -18.49 -13.89
C ALA A 161 -16.46 -17.63 -12.71
N ILE A 162 -16.72 -16.35 -12.97
CA ILE A 162 -17.14 -15.40 -11.95
C ILE A 162 -18.44 -14.77 -12.40
N ALA A 163 -19.47 -14.88 -11.57
CA ALA A 163 -20.78 -14.30 -11.85
C ALA A 163 -20.87 -12.94 -11.16
N SER A 164 -20.89 -11.87 -11.95
CA SER A 164 -20.96 -10.51 -11.43
C SER A 164 -22.39 -10.00 -11.53
N GLU A 165 -22.97 -9.65 -10.38
CA GLU A 165 -24.30 -9.08 -10.31
C GLU A 165 -24.28 -7.84 -9.44
N GLU A 166 -25.08 -6.84 -9.82
CA GLU A 166 -25.19 -5.60 -9.06
C GLU A 166 -26.44 -5.67 -8.18
N ARG A 167 -26.23 -5.51 -6.88
CA ARG A 167 -27.33 -5.45 -5.92
C ARG A 167 -26.92 -4.55 -4.77
N GLN A 168 -27.91 -3.96 -4.11
CA GLN A 168 -27.65 -3.01 -3.04
C GLN A 168 -26.90 -3.69 -1.90
N ILE A 169 -25.86 -3.01 -1.41
CA ILE A 169 -25.01 -3.53 -0.34
C ILE A 169 -25.14 -2.59 0.85
N PRO A 170 -25.45 -3.09 2.04
CA PRO A 170 -25.59 -2.20 3.20
C PRO A 170 -24.24 -1.71 3.70
N ASP A 171 -24.19 -0.44 4.08
CA ASP A 171 -23.00 0.17 4.65
C ASP A 171 -23.05 0.18 6.18
N GLY A 172 -23.95 -0.59 6.78
CA GLY A 172 -24.07 -0.66 8.22
C GLY A 172 -25.06 -1.72 8.67
N GLU A 173 -25.68 -1.51 9.83
CA GLU A 173 -26.65 -2.46 10.34
C GLU A 173 -27.92 -2.41 9.50
N TRP A 174 -28.40 -3.58 9.09
CA TRP A 174 -29.63 -3.70 8.33
C TRP A 174 -30.63 -4.55 9.09
N ARG A 175 -31.90 -4.13 9.07
CA ARG A 175 -32.95 -4.90 9.73
C ARG A 175 -33.40 -6.06 8.85
N ASP A 176 -33.99 -5.76 7.69
CA ASP A 176 -34.41 -6.79 6.76
C ASP A 176 -34.11 -6.31 5.35
N GLY A 177 -34.42 -7.15 4.36
CA GLY A 177 -34.18 -6.85 2.97
C GLY A 177 -32.90 -7.42 2.38
N PHE A 178 -31.99 -7.90 3.22
CA PHE A 178 -30.72 -8.44 2.72
C PHE A 178 -30.54 -9.89 3.19
N ASP A 179 -31.54 -10.73 2.96
CA ASP A 179 -31.46 -12.12 3.38
C ASP A 179 -30.49 -12.93 2.51
N TRP A 180 -30.12 -12.40 1.33
CA TRP A 180 -29.16 -13.09 0.48
C TRP A 180 -27.77 -13.14 1.11
N ILE A 181 -27.48 -12.27 2.07
CA ILE A 181 -26.17 -12.26 2.70
C ILE A 181 -26.01 -13.46 3.63
N THR A 182 -27.04 -13.74 4.44
CA THR A 182 -26.96 -14.82 5.40
C THR A 182 -27.27 -16.17 4.77
N GLU A 183 -28.20 -16.22 3.82
CA GLU A 183 -28.60 -17.47 3.17
C GLU A 183 -27.59 -17.78 2.07
N TYR A 184 -26.43 -18.30 2.49
CA TYR A 184 -25.37 -18.65 1.57
C TYR A 184 -24.33 -19.56 2.24
N GLU A 185 -24.39 -20.85 1.96
CA GLU A 185 -23.37 -21.77 2.47
C GLU A 185 -22.08 -21.56 1.70
N GLY A 186 -21.10 -20.96 2.35
CA GLY A 186 -19.84 -20.64 1.71
C GLY A 186 -19.16 -19.49 2.41
N ARG A 187 -17.92 -19.25 1.99
CA ARG A 187 -17.09 -18.21 2.59
C ARG A 187 -17.07 -16.98 1.70
N THR A 188 -17.22 -15.81 2.32
CA THR A 188 -17.38 -14.55 1.60
C THR A 188 -16.36 -13.54 2.07
N ALA A 189 -15.86 -12.74 1.13
CA ALA A 189 -14.94 -11.65 1.41
C ALA A 189 -15.67 -10.33 1.17
N TRP A 190 -15.83 -9.54 2.23
CA TRP A 190 -16.57 -8.28 2.19
C TRP A 190 -15.59 -7.13 2.32
N PHE A 191 -15.46 -6.33 1.27
CA PHE A 191 -14.58 -5.17 1.28
C PHE A 191 -15.32 -3.95 1.81
N VAL A 192 -14.64 -3.20 2.68
CA VAL A 192 -15.21 -1.99 3.28
C VAL A 192 -14.26 -0.82 2.99
N PRO A 193 -14.77 0.42 2.95
CA PRO A 193 -13.88 1.56 2.64
C PRO A 193 -12.98 1.97 3.80
N SER A 194 -13.30 1.60 5.03
CA SER A 194 -12.49 2.02 6.17
C SER A 194 -12.65 1.01 7.30
N ILE A 195 -11.82 1.19 8.34
CA ILE A 195 -11.87 0.30 9.49
C ILE A 195 -13.14 0.53 10.30
N ALA A 196 -13.58 1.79 10.40
CA ALA A 196 -14.76 2.10 11.20
C ALA A 196 -16.01 1.43 10.64
N ARG A 197 -16.20 1.47 9.32
CA ARG A 197 -17.32 0.78 8.72
C ARG A 197 -17.15 -0.74 8.74
N GLY A 198 -15.91 -1.23 8.81
CA GLY A 198 -15.72 -2.66 8.89
C GLY A 198 -16.16 -3.23 10.23
N GLY A 199 -15.99 -2.46 11.30
CA GLY A 199 -16.44 -2.90 12.62
C GLY A 199 -17.94 -2.95 12.73
N ALA A 200 -18.64 -2.05 12.03
CA ALA A 200 -20.10 -2.05 12.07
C ALA A 200 -20.67 -3.23 11.30
N ILE A 201 -20.03 -3.61 10.20
CA ILE A 201 -20.48 -4.77 9.44
C ILE A 201 -20.26 -6.05 10.22
N ALA A 202 -19.17 -6.11 10.99
CA ALA A 202 -18.91 -7.29 11.82
C ALA A 202 -19.94 -7.41 12.93
N ARG A 203 -20.53 -6.29 13.37
CA ARG A 203 -21.56 -6.35 14.40
C ARG A 203 -22.83 -7.02 13.87
N ALA A 204 -23.25 -6.68 12.65
CA ALA A 204 -24.48 -7.25 12.11
C ALA A 204 -24.31 -8.73 11.79
N LEU A 205 -23.12 -9.14 11.35
CA LEU A 205 -22.90 -10.53 10.99
C LEU A 205 -22.79 -11.41 12.23
N ARG A 206 -22.03 -10.96 13.23
CA ARG A 206 -21.88 -11.76 14.44
C ARG A 206 -23.18 -11.85 15.24
N GLN A 207 -24.01 -10.81 15.19
CA GLN A 207 -25.31 -10.88 15.84
C GLN A 207 -26.22 -11.91 15.17
N ARG A 208 -26.09 -12.08 13.85
CA ARG A 208 -26.86 -13.07 13.11
C ARG A 208 -26.23 -14.45 13.12
N GLY A 209 -25.20 -14.66 13.94
CA GLY A 209 -24.57 -15.96 14.03
C GLY A 209 -23.64 -16.29 12.88
N LYS A 210 -22.58 -15.51 12.72
CA LYS A 210 -21.60 -15.71 11.66
C LYS A 210 -20.21 -15.42 12.20
N SER A 211 -19.23 -16.19 11.70
CA SER A 211 -17.84 -15.98 12.07
C SER A 211 -17.22 -14.91 11.18
N VAL A 212 -16.54 -13.94 11.79
CA VAL A 212 -15.99 -12.79 11.09
C VAL A 212 -14.55 -12.57 11.55
N ILE A 213 -13.66 -12.33 10.60
CA ILE A 213 -12.29 -11.92 10.86
C ILE A 213 -12.02 -10.65 10.07
N CYS A 214 -11.55 -9.61 10.75
CA CYS A 214 -11.31 -8.31 10.14
C CYS A 214 -9.84 -8.17 9.78
N LEU A 215 -9.58 -7.68 8.57
CA LEU A 215 -8.21 -7.49 8.07
C LEU A 215 -8.07 -6.04 7.62
N ASN A 216 -7.16 -5.31 8.25
CA ASN A 216 -6.86 -3.94 7.86
C ASN A 216 -5.35 -3.73 7.91
N SER A 217 -4.92 -2.50 7.65
CA SER A 217 -3.50 -2.19 7.59
C SER A 217 -2.79 -2.34 8.93
N LYS A 218 -3.54 -2.58 10.01
CA LYS A 218 -2.95 -2.71 11.34
C LYS A 218 -3.21 -4.06 11.98
N THR A 219 -3.95 -4.95 11.33
CA THR A 219 -4.21 -6.29 11.85
C THR A 219 -3.86 -7.37 10.82
N PHE A 220 -3.24 -7.01 9.71
CA PHE A 220 -3.00 -7.97 8.64
C PHE A 220 -1.84 -8.91 8.97
N ASP A 221 -0.77 -8.39 9.57
CA ASP A 221 0.40 -9.22 9.82
C ASP A 221 0.14 -10.28 10.89
N LYS A 222 -0.72 -9.98 11.87
CA LYS A 222 -0.93 -10.89 12.98
C LYS A 222 -2.01 -11.93 12.72
N GLU A 223 -3.07 -11.58 11.99
CA GLU A 223 -4.23 -12.44 11.87
C GLU A 223 -4.49 -12.88 10.43
N TYR A 224 -3.51 -12.74 9.53
CA TYR A 224 -3.66 -13.33 8.21
C TYR A 224 -3.62 -14.84 8.27
N SER A 225 -2.95 -15.40 9.28
CA SER A 225 -2.89 -16.85 9.44
C SER A 225 -4.21 -17.42 9.93
N ARG A 226 -4.95 -16.66 10.75
CA ARG A 226 -6.23 -17.16 11.27
C ARG A 226 -7.26 -17.43 10.18
N VAL A 227 -7.13 -16.78 9.02
CA VAL A 227 -8.08 -17.03 7.94
C VAL A 227 -7.97 -18.46 7.45
N LYS A 228 -6.76 -19.01 7.41
CA LYS A 228 -6.58 -20.39 6.97
C LYS A 228 -6.94 -21.39 8.06
N ASP A 229 -6.58 -21.08 9.31
CA ASP A 229 -6.80 -22.04 10.39
C ASP A 229 -8.25 -22.07 10.83
N GLU A 230 -8.89 -20.91 11.00
CA GLU A 230 -10.23 -20.84 11.56
C GLU A 230 -11.32 -20.98 10.52
N LYS A 231 -11.02 -20.72 9.24
CA LYS A 231 -11.99 -20.86 8.15
C LYS A 231 -13.25 -20.05 8.43
N PRO A 232 -13.17 -18.72 8.43
CA PRO A 232 -14.32 -17.92 8.84
C PRO A 232 -15.36 -17.81 7.73
N ASP A 233 -16.60 -17.57 8.16
CA ASP A 233 -17.69 -17.40 7.21
C ASP A 233 -17.53 -16.11 6.41
N PHE A 234 -17.07 -15.05 7.06
CA PHE A 234 -16.86 -13.76 6.41
C PHE A 234 -15.50 -13.21 6.77
N VAL A 235 -14.91 -12.45 5.84
CA VAL A 235 -13.66 -11.76 6.04
C VAL A 235 -13.88 -10.31 5.65
N VAL A 236 -13.95 -9.42 6.64
CA VAL A 236 -14.16 -8.00 6.40
C VAL A 236 -12.79 -7.34 6.29
N THR A 237 -12.41 -6.98 5.06
CA THR A 237 -11.09 -6.45 4.79
C THR A 237 -11.18 -5.02 4.25
N THR A 238 -10.11 -4.25 4.49
CA THR A 238 -10.07 -2.84 4.10
C THR A 238 -9.00 -2.58 3.05
N ASP A 239 -9.13 -3.20 1.86
CA ASP A 239 -8.26 -2.96 0.72
C ASP A 239 -6.81 -3.39 0.96
N ILE A 240 -6.50 -3.84 2.18
CA ILE A 240 -5.18 -4.40 2.43
C ILE A 240 -5.05 -5.77 1.77
N SER A 241 -6.16 -6.39 1.42
CA SER A 241 -6.18 -7.71 0.79
C SER A 241 -6.08 -7.64 -0.73
N GLU A 242 -6.03 -6.44 -1.32
CA GLU A 242 -5.85 -6.34 -2.75
C GLU A 242 -4.45 -6.72 -3.20
N MET A 243 -3.47 -6.63 -2.32
CA MET A 243 -2.06 -6.81 -2.68
C MET A 243 -1.61 -8.19 -2.20
N GLY A 244 -1.84 -9.20 -3.04
CA GLY A 244 -1.38 -10.54 -2.77
C GLY A 244 -1.94 -11.15 -1.49
N ALA A 245 -3.24 -11.45 -1.49
CA ALA A 245 -3.90 -12.06 -0.35
C ALA A 245 -4.76 -13.21 -0.84
N ASN A 246 -4.50 -14.41 -0.31
CA ASN A 246 -5.25 -15.61 -0.69
C ASN A 246 -6.24 -15.90 0.43
N LEU A 247 -7.47 -15.41 0.26
CA LEU A 247 -8.50 -15.55 1.28
C LEU A 247 -9.27 -16.86 1.16
N ASP A 248 -9.22 -17.52 0.01
CA ASP A 248 -9.90 -18.80 -0.21
C ASP A 248 -11.41 -18.67 0.06
N VAL A 249 -12.05 -17.79 -0.71
CA VAL A 249 -13.48 -17.55 -0.61
C VAL A 249 -14.11 -17.81 -1.97
N THR A 250 -15.44 -17.86 -1.98
CA THR A 250 -16.20 -18.09 -3.20
C THR A 250 -17.16 -16.95 -3.53
N ARG A 251 -17.24 -15.92 -2.70
CA ARG A 251 -18.09 -14.77 -2.96
C ARG A 251 -17.40 -13.51 -2.46
N VAL A 252 -17.52 -12.43 -3.23
CA VAL A 252 -16.92 -11.15 -2.91
C VAL A 252 -18.04 -10.10 -2.87
N ILE A 253 -18.16 -9.41 -1.75
CA ILE A 253 -19.11 -8.32 -1.59
C ILE A 253 -18.31 -7.02 -1.58
N ASP A 254 -18.51 -6.19 -2.60
CA ASP A 254 -17.70 -4.99 -2.78
C ASP A 254 -18.61 -3.83 -3.16
N GLY A 255 -18.62 -2.79 -2.32
CA GLY A 255 -19.35 -1.57 -2.60
C GLY A 255 -18.60 -0.57 -3.45
N ARG A 256 -17.35 -0.87 -3.80
CA ARG A 256 -16.52 -0.03 -4.65
C ARG A 256 -16.33 1.37 -4.06
N THR A 257 -16.19 1.43 -2.75
CA THR A 257 -15.91 2.68 -2.04
C THR A 257 -14.56 2.57 -1.33
N ASN A 258 -13.98 3.73 -1.05
CA ASN A 258 -12.66 3.79 -0.42
C ASN A 258 -12.48 5.18 0.19
N ILE A 259 -11.94 5.22 1.40
CA ILE A 259 -11.65 6.46 2.10
C ILE A 259 -10.16 6.72 1.96
N LYS A 260 -9.81 7.74 1.18
CA LYS A 260 -8.44 8.12 0.93
C LYS A 260 -8.20 9.58 1.30
N PRO A 261 -7.02 9.90 1.84
CA PRO A 261 -6.78 11.27 2.29
C PRO A 261 -6.46 12.22 1.15
N GLU A 262 -6.88 13.47 1.32
CA GLU A 262 -6.60 14.54 0.39
C GLU A 262 -6.07 15.76 1.14
N GLU A 263 -5.43 16.66 0.40
CA GLU A 263 -4.89 17.89 0.96
C GLU A 263 -5.87 19.03 0.70
N VAL A 264 -6.36 19.66 1.76
CA VAL A 264 -7.31 20.76 1.67
C VAL A 264 -6.85 21.85 2.63
N ASP A 265 -6.46 23.01 2.07
CA ASP A 265 -6.09 24.19 2.86
C ASP A 265 -4.93 23.88 3.79
N GLY A 266 -3.90 23.21 3.27
CA GLY A 266 -2.74 22.87 4.06
C GLY A 266 -2.96 21.81 5.11
N ARG A 267 -4.07 21.08 5.04
CA ARG A 267 -4.38 20.01 5.99
C ARG A 267 -4.76 18.76 5.24
N ILE A 268 -4.39 17.61 5.80
CA ILE A 268 -4.77 16.31 5.26
C ILE A 268 -6.04 15.88 5.98
N GLU A 269 -7.15 15.78 5.23
CA GLU A 269 -8.42 15.39 5.80
C GLU A 269 -8.79 13.97 5.36
N LEU A 270 -9.48 13.25 6.26
CA LEU A 270 -9.98 11.92 5.96
C LEU A 270 -11.50 11.89 6.09
N THR A 271 -12.18 12.73 5.31
CA THR A 271 -13.64 12.85 5.37
C THR A 271 -14.24 12.40 4.05
N GLY A 272 -15.26 11.56 4.12
CA GLY A 272 -15.98 11.12 2.94
C GLY A 272 -15.38 9.90 2.30
N THR A 273 -16.14 9.33 1.36
CA THR A 273 -15.74 8.17 0.60
C THR A 273 -15.67 8.52 -0.88
N ARG A 274 -14.76 7.86 -1.59
CA ARG A 274 -14.62 8.03 -3.03
C ARG A 274 -14.79 6.69 -3.72
N ARG A 275 -15.16 6.74 -5.00
CA ARG A 275 -15.29 5.53 -5.78
C ARG A 275 -13.92 4.96 -6.11
N VAL A 276 -13.78 3.64 -5.97
CA VAL A 276 -12.49 3.01 -6.24
C VAL A 276 -12.16 3.08 -7.72
N THR A 277 -10.87 2.94 -8.03
CA THR A 277 -10.44 2.90 -9.41
C THR A 277 -10.80 1.56 -10.04
N THR A 278 -10.69 1.50 -11.37
CA THR A 278 -11.00 0.27 -12.07
C THR A 278 -10.03 -0.84 -11.69
N ALA A 279 -8.75 -0.50 -11.52
CA ALA A 279 -7.75 -1.50 -11.12
C ALA A 279 -8.05 -2.03 -9.72
N SER A 280 -8.52 -1.17 -8.82
CA SER A 280 -8.85 -1.62 -7.47
C SER A 280 -10.08 -2.52 -7.47
N ALA A 281 -11.11 -2.14 -8.23
CA ALA A 281 -12.32 -2.97 -8.30
C ALA A 281 -12.02 -4.31 -8.94
N ALA A 282 -11.20 -4.33 -9.99
CA ALA A 282 -10.79 -5.59 -10.59
C ALA A 282 -9.90 -6.40 -9.65
N GLN A 283 -9.09 -5.72 -8.83
CA GLN A 283 -8.22 -6.43 -7.90
C GLN A 283 -9.03 -7.04 -6.76
N ARG A 284 -10.09 -6.36 -6.32
CA ARG A 284 -10.99 -6.96 -5.34
C ARG A 284 -11.72 -8.16 -5.93
N ARG A 285 -12.18 -8.04 -7.18
CA ARG A 285 -12.87 -9.14 -7.84
C ARG A 285 -11.94 -10.31 -8.11
N GLY A 286 -10.63 -10.08 -8.16
CA GLY A 286 -9.64 -11.13 -8.36
C GLY A 286 -9.40 -12.04 -7.17
N ARG A 287 -10.07 -11.81 -6.04
CA ARG A 287 -9.90 -12.68 -4.89
C ARG A 287 -10.56 -14.03 -5.09
N VAL A 288 -11.51 -14.14 -6.03
CA VAL A 288 -12.17 -15.41 -6.32
C VAL A 288 -11.89 -15.81 -7.76
N GLY A 289 -12.49 -16.91 -8.21
CA GLY A 289 -12.27 -17.37 -9.57
C GLY A 289 -10.90 -17.95 -9.82
N ARG A 290 -10.21 -18.43 -8.79
CA ARG A 290 -8.85 -18.95 -8.94
C ARG A 290 -8.80 -20.45 -9.20
N GLN A 291 -9.94 -21.13 -9.24
CA GLN A 291 -9.99 -22.55 -9.51
C GLN A 291 -11.16 -22.86 -10.42
N GLY A 292 -10.91 -23.62 -11.48
CA GLY A 292 -11.95 -24.01 -12.41
C GLY A 292 -12.89 -25.04 -11.81
N GLY A 293 -13.86 -25.43 -12.63
CA GLY A 293 -14.85 -26.41 -12.22
C GLY A 293 -15.94 -25.88 -11.32
N ARG A 294 -15.94 -24.58 -11.01
CA ARG A 294 -16.96 -23.99 -10.16
C ARG A 294 -17.18 -22.55 -10.61
N THR A 295 -18.21 -21.92 -10.03
CA THR A 295 -18.56 -20.54 -10.33
C THR A 295 -18.61 -19.75 -9.04
N ASP A 296 -17.82 -18.68 -8.97
CA ASP A 296 -17.82 -17.77 -7.83
C ASP A 296 -18.64 -16.54 -8.15
N GLU A 297 -19.01 -15.81 -7.10
CA GLU A 297 -19.85 -14.62 -7.22
C GLU A 297 -19.07 -13.37 -6.87
N TYR A 298 -19.39 -12.28 -7.57
CA TYR A 298 -18.86 -10.96 -7.28
C TYR A 298 -20.03 -9.99 -7.23
N ILE A 299 -20.37 -9.51 -6.04
CA ILE A 299 -21.50 -8.62 -5.84
C ILE A 299 -20.96 -7.20 -5.69
N TYR A 300 -21.44 -6.30 -6.55
CA TYR A 300 -20.99 -4.92 -6.55
C TYR A 300 -22.20 -3.99 -6.54
N SER A 301 -21.92 -2.69 -6.35
CA SER A 301 -22.97 -1.68 -6.35
C SER A 301 -22.35 -0.36 -6.80
N GLY A 302 -22.80 0.14 -7.95
CA GLY A 302 -22.26 1.37 -8.51
C GLY A 302 -21.15 1.11 -9.51
N GLN A 303 -20.60 2.21 -10.02
CA GLN A 303 -19.54 2.17 -11.00
C GLN A 303 -18.21 2.58 -10.36
N CYS A 304 -17.18 2.71 -11.18
CA CYS A 304 -15.83 3.02 -10.74
C CYS A 304 -15.49 4.48 -11.06
N ASP A 305 -14.27 4.87 -10.71
CA ASP A 305 -13.79 6.23 -10.96
C ASP A 305 -12.27 6.17 -10.99
N ASP A 306 -11.68 6.36 -12.17
CA ASP A 306 -10.24 6.24 -12.35
C ASP A 306 -9.49 7.54 -12.12
N ASP A 307 -10.18 8.62 -11.75
CA ASP A 307 -9.54 9.91 -11.52
C ASP A 307 -9.27 10.03 -10.01
N ASP A 308 -8.11 9.53 -9.59
CA ASP A 308 -7.68 9.63 -8.20
C ASP A 308 -6.54 10.64 -8.04
N SER A 309 -6.47 11.62 -8.95
CA SER A 309 -5.40 12.61 -8.91
C SER A 309 -5.51 13.51 -7.68
N GLY A 310 -6.72 13.68 -7.14
CA GLY A 310 -6.91 14.50 -5.96
C GLY A 310 -6.35 13.92 -4.68
N LEU A 311 -5.94 12.66 -4.70
CA LEU A 311 -5.40 12.04 -3.50
C LEU A 311 -3.98 12.52 -3.21
N VAL A 312 -3.65 12.60 -1.93
CA VAL A 312 -2.32 13.05 -1.52
C VAL A 312 -1.26 11.99 -1.72
N GLN A 313 -1.65 10.77 -2.09
CA GLN A 313 -0.68 9.70 -2.29
C GLN A 313 0.30 10.02 -3.42
N TRP A 314 -0.13 10.82 -4.40
CA TRP A 314 0.75 11.18 -5.49
C TRP A 314 1.77 12.23 -5.08
N LYS A 315 1.40 13.15 -4.19
CA LYS A 315 2.34 14.16 -3.72
C LYS A 315 3.40 13.54 -2.81
N GLU A 316 3.00 12.62 -1.95
CA GLU A 316 3.96 11.98 -1.04
C GLU A 316 4.93 11.07 -1.81
N ALA A 317 4.49 10.53 -2.94
CA ALA A 317 5.39 9.70 -3.74
C ALA A 317 6.55 10.50 -4.29
N GLN A 318 6.28 11.74 -4.72
CA GLN A 318 7.34 12.59 -5.23
C GLN A 318 8.21 13.15 -4.10
N ILE A 319 7.64 13.31 -2.89
CA ILE A 319 8.44 13.71 -1.74
C ILE A 319 9.50 12.67 -1.44
N LEU A 320 9.14 11.38 -1.54
CA LEU A 320 10.12 10.32 -1.32
C LEU A 320 11.07 10.19 -2.51
N LEU A 321 10.54 10.26 -3.73
CA LEU A 321 11.38 10.03 -4.91
C LEU A 321 12.43 11.12 -5.08
N ASP A 322 12.08 12.37 -4.80
CA ASP A 322 13.04 13.46 -4.98
C ASP A 322 14.18 13.38 -3.98
N ASN A 323 13.97 12.75 -2.83
CA ASN A 323 15.02 12.52 -1.84
C ASN A 323 15.64 11.14 -1.97
N ILE A 324 15.28 10.39 -2.99
CA ILE A 324 15.84 9.05 -3.21
C ILE A 324 17.02 9.10 -4.18
N THR A 325 16.95 9.98 -5.18
CA THR A 325 17.97 10.03 -6.22
C THR A 325 19.34 10.35 -5.64
N THR A 326 20.38 9.96 -6.39
CA THR A 326 21.75 10.21 -5.99
C THR A 326 22.12 11.68 -6.19
N ALA A 327 23.01 12.17 -5.34
CA ALA A 327 23.47 13.54 -5.46
C ALA A 327 24.31 13.72 -6.71
N ARG A 328 24.20 14.90 -7.33
CA ARG A 328 24.89 15.23 -8.57
C ARG A 328 24.57 14.21 -9.66
N GLY A 329 23.33 13.77 -9.70
CA GLY A 329 22.88 12.83 -10.71
C GLY A 329 21.58 13.27 -11.34
N PRO A 330 21.10 12.51 -12.32
CA PRO A 330 19.84 12.87 -12.98
C PRO A 330 18.66 12.69 -12.04
N VAL A 331 17.68 13.58 -12.15
CA VAL A 331 16.46 13.48 -11.36
C VAL A 331 15.63 12.32 -11.89
N ALA A 332 14.63 11.89 -11.13
CA ALA A 332 13.78 10.78 -11.49
C ALA A 332 12.34 11.25 -11.65
N THR A 333 11.60 10.55 -12.50
CA THR A 333 10.19 10.81 -12.74
C THR A 333 9.38 9.61 -12.28
N PHE A 334 8.06 9.72 -12.37
CA PHE A 334 7.20 8.59 -12.07
C PHE A 334 7.25 7.57 -13.21
N TYR A 335 6.60 6.44 -12.98
CA TYR A 335 6.44 5.44 -14.03
C TYR A 335 5.64 6.04 -15.19
N GLY A 336 5.87 5.50 -16.38
CA GLY A 336 5.33 6.03 -17.63
C GLY A 336 3.88 6.48 -17.57
N PRO A 337 2.96 5.53 -17.47
CA PRO A 337 1.53 5.89 -17.45
C PRO A 337 1.07 6.59 -16.18
N GLU A 338 2.01 6.95 -15.30
CA GLU A 338 1.66 7.60 -14.04
C GLU A 338 2.19 9.02 -13.89
N GLN A 339 2.99 9.51 -14.85
CA GLN A 339 3.60 10.82 -14.69
C GLN A 339 2.60 11.97 -14.84
N GLU A 340 1.36 11.69 -15.24
CA GLU A 340 0.33 12.72 -15.25
C GLU A 340 -0.11 13.10 -13.83
N ARG A 341 0.26 12.31 -12.83
CA ARG A 341 -0.08 12.57 -11.44
C ARG A 341 0.99 13.36 -10.71
N MET A 342 2.10 13.68 -11.36
CA MET A 342 3.15 14.46 -10.72
C MET A 342 2.66 15.86 -10.40
N THR A 343 2.85 16.28 -9.16
CA THR A 343 2.36 17.59 -8.73
C THR A 343 3.29 18.72 -9.21
N GLU A 344 4.60 18.49 -9.18
CA GLU A 344 5.57 19.49 -9.58
C GLU A 344 6.61 18.84 -10.49
N THR A 345 7.53 19.67 -10.99
CA THR A 345 8.63 19.18 -11.81
C THR A 345 9.52 18.26 -10.98
N ALA A 346 10.12 17.27 -11.65
CA ALA A 346 10.96 16.30 -10.98
C ALA A 346 12.10 17.00 -10.23
N GLY A 347 12.31 16.59 -8.98
CA GLY A 347 13.33 17.19 -8.14
C GLY A 347 12.90 18.40 -7.35
N HIS A 348 11.60 18.70 -7.32
CA HIS A 348 11.12 19.90 -6.63
C HIS A 348 11.13 19.72 -5.11
N TYR A 349 10.78 18.54 -4.62
CA TYR A 349 10.73 18.28 -3.18
C TYR A 349 12.08 17.88 -2.60
N ARG A 350 13.18 18.21 -3.28
CA ARG A 350 14.50 17.89 -2.77
C ARG A 350 14.79 18.69 -1.51
N LEU A 351 15.28 18.00 -0.47
CA LEU A 351 15.63 18.63 0.79
C LEU A 351 17.14 18.61 1.00
N PRO A 352 17.68 19.57 1.75
CA PRO A 352 19.11 19.52 2.07
C PRO A 352 19.47 18.26 2.84
N GLU A 353 20.76 17.92 2.83
CA GLU A 353 21.21 16.67 3.44
C GLU A 353 20.94 16.66 4.94
N GLU A 354 21.14 17.80 5.61
CA GLU A 354 20.86 17.87 7.04
C GLU A 354 19.37 17.80 7.31
N LYS A 355 18.56 18.49 6.50
CA LYS A 355 17.11 18.39 6.64
C LYS A 355 16.62 16.97 6.30
N ARG A 356 17.36 16.25 5.46
CA ARG A 356 16.95 14.91 5.07
C ARG A 356 17.14 13.91 6.21
N LYS A 357 18.16 14.11 7.05
CA LYS A 357 18.38 13.21 8.18
C LYS A 357 17.23 13.29 9.17
N HIS A 358 16.73 14.51 9.42
CA HIS A 358 15.54 14.65 10.26
C HIS A 358 14.31 14.07 9.57
N PHE A 359 14.24 14.17 8.24
CA PHE A 359 13.13 13.59 7.50
C PHE A 359 13.15 12.07 7.59
N ARG A 360 14.33 11.46 7.53
CA ARG A 360 14.43 10.01 7.62
C ARG A 360 14.12 9.52 9.03
N HIS A 361 14.45 10.31 10.05
CA HIS A 361 14.17 9.91 11.43
C HIS A 361 12.68 9.88 11.72
N LEU A 362 11.94 10.85 11.19
CA LEU A 362 10.51 10.92 11.44
C LEU A 362 9.76 9.77 10.78
N LEU A 363 10.23 9.32 9.61
CA LEU A 363 9.55 8.24 8.90
C LEU A 363 9.78 6.90 9.58
N ALA A 364 11.05 6.58 9.86
CA ALA A 364 11.39 5.25 10.35
C ALA A 364 11.20 5.13 11.87
N GLN A 365 11.63 6.14 12.63
CA GLN A 365 11.62 6.02 14.09
C GLN A 365 10.34 6.55 14.72
N CYS A 366 9.65 7.50 14.06
CA CYS A 366 8.44 8.09 14.61
C CYS A 366 7.18 7.72 13.85
N ASP A 367 7.29 7.01 12.72
CA ASP A 367 6.14 6.54 11.95
C ASP A 367 5.26 7.70 11.49
N PHE A 368 5.90 8.75 10.98
CA PHE A 368 5.16 9.85 10.39
C PHE A 368 4.81 9.54 8.94
N THR A 369 3.82 10.24 8.43
CA THR A 369 3.52 10.16 7.01
C THR A 369 4.55 10.98 6.22
N PRO A 370 4.80 10.63 4.95
CA PRO A 370 5.71 11.45 4.14
C PRO A 370 5.28 12.90 4.03
N TRP A 371 3.98 13.17 4.08
CA TRP A 371 3.50 14.56 4.02
C TRP A 371 3.91 15.33 5.27
N LEU A 372 3.65 14.77 6.44
CA LEU A 372 3.95 15.47 7.69
C LEU A 372 5.45 15.53 7.93
N ALA A 373 6.18 14.47 7.61
CA ALA A 373 7.62 14.45 7.84
C ALA A 373 8.33 15.49 6.99
N TRP A 374 7.82 15.76 5.78
CA TRP A 374 8.46 16.74 4.92
C TRP A 374 8.26 18.15 5.45
N HIS A 375 7.05 18.48 5.90
CA HIS A 375 6.78 19.83 6.39
C HIS A 375 7.50 20.12 7.70
N VAL A 376 7.71 19.10 8.53
CA VAL A 376 8.37 19.31 9.82
C VAL A 376 9.88 19.49 9.61
N ALA A 377 10.51 18.54 8.92
CA ALA A 377 11.96 18.56 8.74
C ALA A 377 12.44 19.72 7.88
N ALA A 378 11.54 20.44 7.22
CA ALA A 378 11.92 21.54 6.34
C ALA A 378 11.55 22.91 6.89
N ASN A 379 10.92 22.99 8.06
CA ASN A 379 10.49 24.27 8.60
C ASN A 379 10.79 24.47 10.08
N VAL A 380 11.21 23.43 10.80
CA VAL A 380 11.55 23.59 12.21
C VAL A 380 13.04 23.85 12.34
N ALA A 381 13.42 24.48 13.46
CA ALA A 381 14.82 24.80 13.69
C ALA A 381 15.58 23.61 14.25
N SER A 382 15.30 23.25 15.50
CA SER A 382 15.97 22.13 16.15
C SER A 382 15.20 20.84 15.89
N VAL A 383 15.95 19.73 15.85
CA VAL A 383 15.34 18.41 15.67
C VAL A 383 14.62 17.93 16.91
N THR A 384 14.84 18.57 18.05
CA THR A 384 14.20 18.19 19.30
C THR A 384 13.06 19.14 19.68
N ASP A 385 12.56 19.92 18.73
CA ASP A 385 11.47 20.85 19.00
C ASP A 385 10.13 20.12 18.93
N ARG A 386 9.28 20.37 19.92
CA ARG A 386 7.94 19.82 19.95
C ARG A 386 6.85 20.89 20.00
N SER A 387 7.23 22.16 19.91
CA SER A 387 6.25 23.24 20.04
C SER A 387 5.24 23.23 18.89
N TRP A 388 5.66 22.81 17.70
CA TRP A 388 4.77 22.83 16.54
C TRP A 388 3.54 21.95 16.72
N THR A 389 3.49 21.11 17.75
CA THR A 389 2.34 20.28 18.03
C THR A 389 1.27 20.98 18.86
N TRP A 390 1.59 22.12 19.48
CA TRP A 390 0.61 22.86 20.27
C TRP A 390 0.63 24.35 19.99
N GLU A 391 1.34 24.81 18.96
CA GLU A 391 1.40 26.22 18.60
C GLU A 391 0.62 26.54 17.33
N GLY A 392 -0.10 25.57 16.78
CA GLY A 392 -0.87 25.80 15.58
C GLY A 392 -2.16 26.55 15.86
N PRO A 393 -2.94 26.76 14.81
CA PRO A 393 -4.21 27.47 14.95
C PRO A 393 -5.21 26.68 15.79
N GLU A 394 -6.19 27.40 16.34
CA GLU A 394 -7.27 26.76 17.08
C GLU A 394 -8.06 25.82 16.19
N GLU A 395 -8.17 26.14 14.90
CA GLU A 395 -8.88 25.27 13.96
C GLU A 395 -8.23 23.89 13.87
N ASN A 396 -6.93 23.81 14.08
CA ASN A 396 -6.20 22.55 13.96
C ASN A 396 -6.21 21.72 15.24
N ALA A 397 -7.09 22.04 16.18
CA ALA A 397 -7.18 21.26 17.42
C ALA A 397 -7.68 19.84 17.12
N VAL A 398 -7.19 18.89 17.90
CA VAL A 398 -7.50 17.48 17.72
C VAL A 398 -8.36 17.02 18.89
N ASP A 399 -9.44 16.31 18.60
CA ASP A 399 -10.33 15.78 19.62
C ASP A 399 -10.61 14.31 19.34
N GLU A 400 -11.09 13.62 20.36
CA GLU A 400 -11.41 12.20 20.26
C GLU A 400 -12.87 12.02 19.85
N ASN A 401 -13.30 10.76 19.75
CA ASN A 401 -14.68 10.47 19.38
C ASN A 401 -15.68 10.83 20.46
N ASN A 402 -15.22 11.12 21.68
CA ASN A 402 -16.11 11.55 22.76
C ASN A 402 -16.22 13.07 22.86
N GLY A 403 -15.52 13.82 22.02
CA GLY A 403 -15.53 15.25 22.06
C GLY A 403 -14.46 15.89 22.93
N GLU A 404 -13.81 15.11 23.79
CA GLU A 404 -12.77 15.65 24.65
C GLU A 404 -11.53 16.02 23.83
N LEU A 405 -10.93 17.15 24.17
CA LEU A 405 -9.70 17.57 23.52
C LEU A 405 -8.54 16.67 23.95
N VAL A 406 -7.64 16.40 23.00
CA VAL A 406 -6.46 15.60 23.31
C VAL A 406 -5.52 16.44 24.15
N THR A 407 -5.24 15.97 25.37
CA THR A 407 -4.39 16.69 26.31
C THR A 407 -3.22 15.80 26.71
N PHE A 408 -2.02 16.37 26.65
CA PHE A 408 -0.80 15.71 27.10
C PHE A 408 0.01 16.69 27.93
N ARG A 409 0.98 16.16 28.68
CA ARG A 409 1.79 16.96 29.58
C ARG A 409 3.25 16.91 29.12
N SER A 410 3.85 18.10 28.98
CA SER A 410 5.24 18.22 28.61
C SER A 410 6.13 17.77 29.77
N PRO A 411 7.43 17.56 29.53
CA PRO A 411 8.32 17.17 30.64
C PRO A 411 8.35 18.15 31.81
N ASN A 412 7.94 19.40 31.61
CA ASN A 412 7.85 20.36 32.71
C ASN A 412 6.53 20.26 33.47
N GLY A 413 5.67 19.31 33.12
CA GLY A 413 4.41 19.12 33.82
C GLY A 413 3.26 19.99 33.35
N ALA A 414 3.44 20.74 32.26
CA ALA A 414 2.39 21.62 31.75
C ALA A 414 1.48 20.83 30.82
N GLU A 415 0.18 20.82 31.12
CA GLU A 415 -0.79 20.13 30.28
C GLU A 415 -1.02 20.93 29.00
N ARG A 416 -0.82 20.27 27.85
CA ARG A 416 -0.90 20.92 26.55
C ARG A 416 -2.13 20.41 25.79
N THR A 417 -2.58 21.23 24.85
CA THR A 417 -3.65 20.85 23.93
C THR A 417 -3.06 20.63 22.55
N LEU A 418 -3.42 19.52 21.91
CA LEU A 418 -2.83 19.13 20.63
C LEU A 418 -3.41 19.98 19.52
N ARG A 419 -2.62 20.94 19.03
CA ARG A 419 -2.98 21.80 17.90
C ARG A 419 -1.78 21.87 16.97
N PRO A 420 -1.59 20.86 16.12
CA PRO A 420 -0.40 20.84 15.26
C PRO A 420 -0.45 21.92 14.19
N VAL A 421 0.71 22.51 13.92
CA VAL A 421 0.81 23.51 12.85
C VAL A 421 0.52 22.87 11.50
N TRP A 422 1.03 21.66 11.28
CA TRP A 422 0.77 20.88 10.08
C TRP A 422 -0.12 19.71 10.48
N ARG A 423 -1.40 19.78 10.11
CA ARG A 423 -2.40 18.83 10.57
C ARG A 423 -2.57 17.72 9.55
N ASP A 424 -2.38 16.47 10.00
CA ASP A 424 -2.57 15.28 9.17
C ASP A 424 -3.50 14.34 9.91
N ALA A 425 -4.73 14.20 9.41
CA ALA A 425 -5.73 13.41 10.11
C ALA A 425 -5.36 11.93 10.21
N ARG A 426 -4.46 11.45 9.36
CA ARG A 426 -4.02 10.07 9.45
C ARG A 426 -3.26 9.80 10.74
N MET A 427 -2.60 10.81 11.29
CA MET A 427 -1.87 10.63 12.54
C MET A 427 -2.80 10.53 13.75
N PHE A 428 -4.05 10.98 13.61
CA PHE A 428 -5.01 10.95 14.71
C PHE A 428 -6.17 10.01 14.41
N ARG A 429 -5.93 8.96 13.62
CA ARG A 429 -7.01 8.09 13.21
C ARG A 429 -7.55 7.26 14.37
N GLU A 430 -6.66 6.77 15.23
CA GLU A 430 -7.05 5.93 16.35
C GLU A 430 -6.07 6.13 17.49
N GLY A 431 -6.47 5.69 18.69
CA GLY A 431 -5.58 5.77 19.84
C GLY A 431 -4.23 5.13 19.59
N ARG A 432 -4.18 4.08 18.76
CA ARG A 432 -2.90 3.49 18.39
C ARG A 432 -2.02 4.50 17.66
N ASP A 433 -2.63 5.33 16.81
CA ASP A 433 -1.92 6.42 16.15
C ASP A 433 -1.88 7.68 17.00
N ILE A 434 -2.84 7.86 17.91
CA ILE A 434 -2.85 9.04 18.76
C ILE A 434 -1.76 8.94 19.82
N ARG A 435 -1.70 7.81 20.53
CA ARG A 435 -0.76 7.69 21.65
C ARG A 435 0.68 7.69 21.17
N GLU A 436 0.95 7.18 19.97
CA GLU A 436 2.31 7.26 19.43
C GLU A 436 2.66 8.69 19.04
N PHE A 437 1.69 9.43 18.51
CA PHE A 437 1.91 10.84 18.21
C PHE A 437 1.93 11.69 19.47
N VAL A 438 1.12 11.34 20.47
CA VAL A 438 1.17 12.03 21.76
C VAL A 438 2.49 11.74 22.45
N SER A 439 2.98 10.50 22.35
CA SER A 439 4.28 10.16 22.93
C SER A 439 5.40 10.97 22.28
N TYR A 440 5.28 11.25 20.99
CA TYR A 440 6.26 12.12 20.33
C TYR A 440 6.09 13.56 20.77
N ALA A 441 4.85 14.05 20.79
CA ALA A 441 4.60 15.44 21.18
C ALA A 441 4.98 15.71 22.62
N SER A 442 4.81 14.72 23.50
CA SER A 442 5.19 14.87 24.90
C SER A 442 6.68 14.69 25.14
N GLY A 443 7.46 14.39 24.10
CA GLY A 443 8.89 14.22 24.23
C GLY A 443 9.35 12.84 24.64
N ARG A 444 8.44 11.88 24.78
CA ARG A 444 8.84 10.53 25.18
C ARG A 444 9.54 9.78 24.06
N ARG A 445 9.38 10.21 22.81
CA ARG A 445 10.03 9.57 21.68
C ARG A 445 10.14 10.54 20.51
#